data_5GKM
#
_entry.id   5GKM
#
_cell.length_a   38.080
_cell.length_b   37.310
_cell.length_c   99.980
_cell.angle_alpha   90.00
_cell.angle_beta   96.08
_cell.angle_gamma   90.00
#
_symmetry.space_group_name_H-M   'P 1 21 1'
#
loop_
_entity.id
_entity.type
_entity.pdbx_description
1 polymer AT5g51070/K3K7_27
2 water water
#
_entity_poly.entity_id   1
_entity_poly.type   'polypeptide(L)'
_entity_poly.pdbx_seq_one_letter_code
;PLGSMVFERFTERAIRAIIFSQKEAKSLGKDMVYTQHLLLGLIAEDRDPQGFLGSGITIDKAREAVWSIWDEANSDSKQE
EASSTSYSKSTDMPFSISTKRVFEAAVEYSRTMDCQYIAPEHIAVGLFTVDDGSAGRVLKRLGANMNLLTAAALTRLKGE
;
_entity_poly.pdbx_strand_id   A,B
#
# COMPACT_ATOMS: atom_id res chain seq x y z
N LEU A 2 11.90 -21.34 -1.98
CA LEU A 2 11.56 -22.58 -1.30
C LEU A 2 10.58 -23.57 -2.08
N GLY A 3 11.14 -24.46 -2.93
CA GLY A 3 10.46 -24.98 -4.10
C GLY A 3 9.21 -25.79 -3.84
N SER A 4 8.11 -25.32 -4.39
CA SER A 4 6.77 -25.89 -4.27
C SER A 4 6.26 -25.99 -2.80
N MET A 5 6.91 -25.22 -1.93
CA MET A 5 6.40 -24.77 -0.64
C MET A 5 5.34 -23.66 -0.78
N VAL A 6 4.57 -23.49 0.28
CA VAL A 6 3.64 -22.40 0.32
C VAL A 6 4.36 -21.03 0.31
N PHE A 7 5.61 -21.02 0.73
CA PHE A 7 6.40 -19.82 0.89
C PHE A 7 7.43 -19.71 -0.23
N GLU A 8 7.20 -20.41 -1.33
CA GLU A 8 8.20 -20.53 -2.36
C GLU A 8 8.64 -19.17 -2.90
N ARG A 9 7.67 -18.29 -3.08
CA ARG A 9 7.99 -16.99 -3.61
C ARG A 9 8.34 -15.93 -2.60
N PHE A 10 8.34 -16.31 -1.33
CA PHE A 10 8.72 -15.38 -0.29
C PHE A 10 10.24 -15.23 -0.24
N THR A 11 10.72 -14.01 -0.15
CA THR A 11 12.13 -13.79 -0.11
C THR A 11 12.74 -14.29 1.21
N GLU A 12 14.04 -14.46 1.14
CA GLU A 12 14.85 -14.79 2.41
CA GLU A 12 14.83 -14.80 2.43
C GLU A 12 14.59 -13.81 3.69
N ARG A 13 14.48 -12.53 3.39
CA ARG A 13 14.10 -11.58 4.38
C ARG A 13 12.69 -11.84 4.85
N ALA A 14 11.79 -12.12 3.95
CA ALA A 14 10.43 -12.30 4.37
C ALA A 14 10.27 -13.53 5.29
N ILE A 15 10.97 -14.57 4.90
CA ILE A 15 10.93 -15.80 5.65
C ILE A 15 11.53 -15.57 7.03
N ARG A 16 12.59 -14.80 7.10
CA ARG A 16 13.19 -14.53 8.37
C ARG A 16 12.24 -13.75 9.28
N ALA A 17 11.56 -12.78 8.72
CA ALA A 17 10.60 -12.04 9.51
C ALA A 17 9.49 -12.93 10.05
N ILE A 18 9.08 -13.84 9.21
CA ILE A 18 8.05 -14.79 9.63
C ILE A 18 8.50 -15.72 10.78
N ILE A 19 9.70 -16.25 10.63
CA ILE A 19 10.29 -17.04 11.71
C ILE A 19 10.45 -16.19 12.98
N PHE A 20 10.88 -14.96 12.83
CA PHE A 20 11.05 -14.10 13.98
C PHE A 20 9.71 -13.87 14.61
N SER A 21 8.68 -13.80 13.77
CA SER A 21 7.30 -13.59 14.44
CA SER A 21 7.32 -13.56 14.44
C SER A 21 6.81 -14.70 15.47
N GLN A 22 7.27 -15.88 15.07
CA GLN A 22 7.12 -17.08 15.87
C GLN A 22 7.93 -16.99 17.16
N LYS A 23 9.17 -16.57 17.01
CA LYS A 23 9.98 -16.36 18.18
C LYS A 23 9.45 -15.29 19.09
N GLU A 24 9.00 -14.19 18.51
CA GLU A 24 8.47 -13.11 19.31
C GLU A 24 7.22 -13.49 20.07
N ALA A 25 6.36 -14.23 19.41
CA ALA A 25 5.15 -14.70 20.03
C ALA A 25 5.48 -15.64 21.17
N LYS A 26 6.42 -16.52 20.93
CA LYS A 26 6.80 -17.46 21.98
C LYS A 26 7.34 -16.74 23.17
N SER A 27 8.19 -15.77 22.91
CA SER A 27 8.71 -14.94 24.11
CA SER A 27 8.70 -14.95 24.12
CA SER A 27 8.70 -14.95 24.12
C SER A 27 7.66 -14.28 25.11
N LEU A 28 6.55 -14.01 24.44
CA LEU A 28 5.42 -13.38 25.09
C LEU A 28 4.54 -14.40 25.76
N GLY A 29 4.91 -15.65 25.67
CA GLY A 29 4.10 -16.70 26.23
C GLY A 29 2.90 -17.12 25.42
N LYS A 30 2.97 -16.92 24.11
CA LYS A 30 1.90 -17.29 23.21
C LYS A 30 2.11 -18.62 22.47
N ASP A 31 1.05 -19.19 21.95
CA ASP A 31 1.11 -20.40 21.17
C ASP A 31 0.56 -20.30 19.74
N MET A 32 0.35 -19.07 19.31
CA MET A 32 -0.08 -18.78 17.98
C MET A 32 0.36 -17.37 17.63
N VAL A 33 0.72 -17.16 16.38
CA VAL A 33 1.21 -15.86 15.96
C VAL A 33 0.04 -15.02 15.46
N TYR A 34 -0.23 -13.94 16.15
CA TYR A 34 -1.22 -13.00 15.74
C TYR A 34 -0.51 -11.78 15.10
N THR A 35 -1.28 -10.83 14.60
CA THR A 35 -0.69 -9.84 13.75
C THR A 35 0.26 -8.89 14.43
N GLN A 36 0.03 -8.64 15.71
CA GLN A 36 0.99 -7.84 16.45
C GLN A 36 2.37 -8.54 16.56
N HIS A 37 2.35 -9.85 16.61
CA HIS A 37 3.56 -10.61 16.60
C HIS A 37 4.30 -10.57 15.28
N LEU A 38 3.51 -10.60 14.22
CA LEU A 38 4.07 -10.42 12.90
C LEU A 38 4.75 -9.04 12.79
N LEU A 39 4.12 -8.06 13.40
CA LEU A 39 4.70 -6.74 13.38
C LEU A 39 6.05 -6.77 14.07
N LEU A 40 6.12 -7.47 15.18
CA LEU A 40 7.38 -7.61 15.86
C LEU A 40 8.45 -8.30 15.01
N GLY A 41 8.06 -9.35 14.31
CA GLY A 41 8.99 -10.01 13.44
C GLY A 41 9.55 -9.16 12.32
N LEU A 42 8.68 -8.35 11.75
CA LEU A 42 9.10 -7.42 10.73
C LEU A 42 10.04 -6.37 11.24
N ILE A 43 9.74 -5.86 12.40
CA ILE A 43 10.63 -4.91 13.06
C ILE A 43 11.97 -5.52 13.40
N ALA A 44 11.93 -6.73 13.92
CA ALA A 44 13.17 -7.38 14.25
C ALA A 44 14.07 -7.64 13.03
N GLU A 45 13.45 -7.98 11.93
CA GLU A 45 14.18 -8.30 10.73
C GLU A 45 14.82 -7.09 10.03
N ASP A 46 14.14 -5.96 10.08
CA ASP A 46 14.55 -4.85 9.23
C ASP A 46 15.90 -4.28 9.72
N ARG A 47 16.88 -4.23 8.83
CA ARG A 47 18.23 -3.80 9.14
C ARG A 47 18.43 -2.34 8.76
N ASP A 48 17.37 -1.62 8.46
CA ASP A 48 17.48 -0.22 8.10
C ASP A 48 18.04 0.52 9.28
N PRO A 49 19.09 1.33 9.09
CA PRO A 49 19.70 2.04 10.21
C PRO A 49 18.80 3.10 10.78
N GLN A 50 17.80 3.49 10.03
CA GLN A 50 16.83 4.49 10.45
C GLN A 50 15.58 3.87 11.12
N GLY A 51 15.68 2.59 11.45
CA GLY A 51 14.61 1.89 12.11
C GLY A 51 13.62 1.31 11.13
N PHE A 52 12.56 0.69 11.65
CA PHE A 52 11.62 -0.05 10.83
C PHE A 52 10.96 0.90 9.83
N LEU A 53 11.16 0.60 8.57
CA LEU A 53 10.63 1.37 7.46
C LEU A 53 11.07 2.85 7.58
N GLY A 54 12.20 3.05 8.22
CA GLY A 54 12.79 4.36 8.34
C GLY A 54 12.16 5.21 9.39
N SER A 55 11.31 4.61 10.19
CA SER A 55 10.51 5.31 11.16
C SER A 55 11.10 5.61 12.54
N GLY A 56 12.26 5.08 12.83
CA GLY A 56 12.78 5.20 14.17
C GLY A 56 12.22 4.25 15.21
N ILE A 57 11.30 3.39 14.79
CA ILE A 57 10.82 2.35 15.64
C ILE A 57 11.87 1.27 15.79
N THR A 58 12.05 0.80 17.01
CA THR A 58 12.99 -0.24 17.31
C THR A 58 12.30 -1.37 18.03
N ILE A 59 12.90 -2.55 17.99
CA ILE A 59 12.29 -3.74 18.51
C ILE A 59 12.01 -3.69 20.02
N ASP A 60 12.92 -3.13 20.80
CA ASP A 60 12.65 -3.09 22.22
C ASP A 60 11.46 -2.28 22.61
N LYS A 61 11.33 -1.14 22.00
CA LYS A 61 10.17 -0.33 22.23
C LYS A 61 8.90 -1.02 21.77
N ALA A 62 8.97 -1.63 20.60
CA ALA A 62 7.82 -2.34 20.11
C ALA A 62 7.41 -3.48 21.01
N ARG A 63 8.36 -4.23 21.52
CA ARG A 63 8.05 -5.29 22.45
C ARG A 63 7.37 -4.83 23.75
N GLU A 64 7.80 -3.71 24.29
CA GLU A 64 7.14 -3.15 25.46
C GLU A 64 5.71 -2.80 25.22
N ALA A 65 5.46 -2.24 24.05
CA ALA A 65 4.14 -1.87 23.73
C ALA A 65 3.26 -3.07 23.65
N VAL A 66 3.75 -4.12 22.99
CA VAL A 66 2.92 -5.26 22.80
C VAL A 66 2.53 -5.96 24.12
N TRP A 67 3.53 -6.09 24.95
CA TRP A 67 3.30 -6.70 26.21
C TRP A 67 2.27 -5.90 26.99
N SER A 68 2.46 -4.59 26.97
CA SER A 68 1.57 -3.76 27.72
C SER A 68 0.13 -3.86 27.24
N ILE A 69 -0.05 -3.79 25.95
CA ILE A 69 -1.40 -3.78 25.40
C ILE A 69 -2.21 -5.03 25.65
N TRP A 70 -1.59 -6.17 25.43
CA TRP A 70 -2.23 -7.46 25.53
C TRP A 70 -2.07 -8.17 26.86
N ASP A 71 -1.02 -7.84 27.62
CA ASP A 71 -0.76 -8.63 28.83
C ASP A 71 -0.82 -8.00 30.22
N GLU A 72 -0.86 -6.67 30.28
CA GLU A 72 -0.84 -6.00 31.58
C GLU A 72 -2.23 -5.72 32.17
N ALA A 73 -3.27 -5.76 31.33
CA ALA A 73 -4.65 -5.66 31.76
C ALA A 73 -5.54 -6.79 31.19
N ASN A 74 -6.71 -6.48 30.64
CA ASN A 74 -7.51 -7.54 30.09
C ASN A 74 -6.94 -8.10 28.78
N SER A 75 -7.17 -9.37 28.56
CA SER A 75 -6.82 -10.06 27.33
C SER A 75 -7.75 -9.70 26.18
N ASP A 76 -7.36 -10.08 24.97
CA ASP A 76 -8.06 -9.67 23.78
C ASP A 76 -9.07 -10.73 23.35
N SER A 77 -10.35 -10.37 23.34
CA SER A 77 -11.41 -11.31 23.08
C SER A 77 -11.33 -11.92 21.69
N LYS A 78 -10.66 -11.20 20.81
CA LYS A 78 -10.54 -11.57 19.41
C LYS A 78 -9.47 -12.60 19.14
N GLN A 79 -8.69 -12.96 20.14
CA GLN A 79 -7.52 -13.77 19.95
C GLN A 79 -7.57 -14.99 20.84
N GLU A 80 -8.54 -15.83 20.55
CA GLU A 80 -8.72 -17.07 21.27
C GLU A 80 -8.98 -18.22 20.34
N GLU A 81 -8.29 -18.22 19.21
CA GLU A 81 -8.38 -19.32 18.29
C GLU A 81 -7.78 -20.54 18.91
N ALA A 82 -8.37 -21.68 18.62
CA ALA A 82 -7.87 -22.93 19.11
C ALA A 82 -6.81 -23.41 18.13
N TYR A 87 2.85 -28.24 19.01
CA TYR A 87 4.08 -27.71 18.44
C TYR A 87 5.26 -28.17 19.28
N SER A 88 6.28 -28.68 18.61
CA SER A 88 7.40 -29.21 19.28
C SER A 88 8.68 -28.43 19.14
N LYS A 89 8.64 -27.33 18.42
CA LYS A 89 9.72 -26.36 18.31
C LYS A 89 9.14 -25.03 17.90
N SER A 90 9.89 -24.00 18.12
CA SER A 90 9.34 -22.70 17.97
C SER A 90 8.87 -22.41 16.51
N THR A 91 9.54 -22.91 15.50
CA THR A 91 9.10 -22.70 14.14
C THR A 91 7.90 -23.56 13.67
N ASP A 92 7.42 -24.42 14.54
CA ASP A 92 6.13 -25.05 14.32
C ASP A 92 4.96 -24.27 14.88
N MET A 93 5.24 -23.17 15.54
CA MET A 93 4.02 -22.32 16.00
CA MET A 93 4.03 -22.29 15.98
C MET A 93 3.09 -21.72 14.75
N PRO A 94 1.83 -22.12 14.95
CA PRO A 94 0.86 -21.81 13.94
C PRO A 94 0.56 -20.33 13.90
N PHE A 95 -0.03 -19.95 12.78
CA PHE A 95 -0.41 -18.58 12.50
C PHE A 95 -1.92 -18.40 12.62
N SER A 96 -2.34 -17.28 13.16
CA SER A 96 -3.74 -17.01 13.31
C SER A 96 -4.43 -16.75 11.98
N ILE A 97 -5.76 -16.80 11.99
CA ILE A 97 -6.51 -16.53 10.79
C ILE A 97 -6.17 -15.14 10.33
N SER A 98 -6.15 -14.22 11.27
CA SER A 98 -5.72 -12.77 10.77
CA SER A 98 -5.74 -12.77 10.71
C SER A 98 -4.27 -12.68 10.05
N THR A 99 -3.35 -13.39 10.69
CA THR A 99 -2.05 -13.46 10.18
C THR A 99 -2.07 -14.11 8.81
N LYS A 100 -2.81 -15.19 8.65
CA LYS A 100 -2.86 -15.82 7.37
C LYS A 100 -3.47 -14.91 6.30
N ARG A 101 -4.42 -14.13 6.72
CA ARG A 101 -5.05 -13.20 5.84
C ARG A 101 -4.01 -12.20 5.36
N VAL A 102 -3.16 -11.76 6.27
CA VAL A 102 -2.14 -10.82 5.89
C VAL A 102 -1.17 -11.41 4.86
N PHE A 103 -0.80 -12.65 5.07
CA PHE A 103 0.13 -13.28 4.19
C PHE A 103 -0.51 -13.37 2.80
N GLU A 104 -1.79 -13.70 2.76
CA GLU A 104 -2.49 -13.81 1.47
C GLU A 104 -2.54 -12.45 0.80
N ALA A 105 -2.78 -11.42 1.58
CA ALA A 105 -2.78 -10.08 1.02
C ALA A 105 -1.42 -9.71 0.44
N ALA A 106 -0.37 -10.12 1.12
CA ALA A 106 0.96 -9.81 0.67
C ALA A 106 1.20 -10.43 -0.69
N VAL A 107 0.73 -11.64 -0.83
CA VAL A 107 0.88 -12.34 -2.11
C VAL A 107 0.10 -11.63 -3.21
N GLU A 108 -1.10 -11.22 -2.87
CA GLU A 108 -1.92 -10.51 -3.84
C GLU A 108 -1.35 -9.17 -4.31
N TYR A 109 -0.89 -8.41 -3.37
CA TYR A 109 -0.30 -7.14 -3.68
C TYR A 109 0.92 -7.36 -4.56
N SER A 110 1.72 -8.37 -4.24
CA SER A 110 2.89 -8.62 -5.01
C SER A 110 2.53 -8.97 -6.45
N ARG A 111 1.52 -9.76 -6.60
CA ARG A 111 1.07 -10.12 -7.94
C ARG A 111 0.53 -8.90 -8.71
N THR A 112 -0.21 -8.07 -8.03
CA THR A 112 -0.77 -6.89 -8.66
C THR A 112 0.33 -5.96 -9.16
N MET A 113 1.40 -5.90 -8.42
CA MET A 113 2.54 -5.09 -8.77
C MET A 113 3.47 -5.79 -9.80
N ASP A 114 3.11 -6.98 -10.22
CA ASP A 114 3.88 -7.77 -11.14
C ASP A 114 5.23 -8.07 -10.58
N CYS A 115 5.24 -8.22 -9.27
CA CYS A 115 6.58 -8.66 -8.68
CA CYS A 115 6.60 -8.66 -8.65
C CYS A 115 6.81 -10.31 -8.60
N GLN A 116 8.04 -10.70 -8.74
CA GLN A 116 8.37 -12.08 -8.77
C GLN A 116 8.47 -12.67 -7.37
N TYR A 117 8.40 -11.84 -6.36
CA TYR A 117 8.70 -12.25 -5.01
C TYR A 117 7.76 -11.57 -4.03
N ILE A 118 7.66 -12.13 -2.83
CA ILE A 118 6.94 -11.48 -1.74
C ILE A 118 8.00 -11.12 -0.72
N ALA A 119 8.19 -9.84 -0.55
CA ALA A 119 9.13 -9.28 0.37
C ALA A 119 8.48 -8.86 1.67
N PRO A 120 9.31 -8.52 2.65
CA PRO A 120 8.75 -8.03 3.91
C PRO A 120 7.84 -6.79 3.70
N GLU A 121 8.20 -6.01 2.71
CA GLU A 121 7.46 -4.81 2.42
C GLU A 121 6.03 -5.12 1.96
N HIS A 122 5.88 -6.18 1.18
CA HIS A 122 4.57 -6.63 0.81
C HIS A 122 3.77 -7.10 2.00
N ILE A 123 4.44 -7.81 2.90
CA ILE A 123 3.82 -8.23 4.14
C ILE A 123 3.39 -7.04 4.99
N ALA A 124 4.23 -6.03 5.04
CA ALA A 124 3.85 -4.84 5.77
C ALA A 124 2.61 -4.14 5.18
N VAL A 125 2.56 -4.08 3.87
CA VAL A 125 1.42 -3.44 3.25
C VAL A 125 0.17 -4.23 3.61
N GLY A 126 0.30 -5.53 3.62
CA GLY A 126 -0.81 -6.36 4.02
C GLY A 126 -1.20 -6.14 5.46
N LEU A 127 -0.19 -6.05 6.31
CA LEU A 127 -0.43 -5.95 7.70
C LEU A 127 -1.19 -4.69 8.01
N PHE A 128 -0.86 -3.65 7.27
CA PHE A 128 -1.38 -2.34 7.57
C PHE A 128 -2.65 -2.04 6.79
N THR A 129 -3.14 -3.01 6.03
CA THR A 129 -4.40 -2.86 5.31
C THR A 129 -5.46 -3.89 5.59
N VAL A 130 -5.11 -5.09 5.97
CA VAL A 130 -6.09 -6.15 6.15
C VAL A 130 -6.16 -6.85 7.49
N ASP A 131 -5.49 -6.33 8.51
CA ASP A 131 -5.48 -7.00 9.79
C ASP A 131 -6.67 -6.66 10.72
N ASP A 132 -6.63 -7.15 11.94
CA ASP A 132 -7.77 -7.09 12.90
C ASP A 132 -7.76 -5.85 13.77
N GLY A 133 -6.87 -4.94 13.46
CA GLY A 133 -6.64 -3.75 14.22
C GLY A 133 -5.49 -3.85 15.20
N SER A 134 -4.94 -5.03 15.34
CA SER A 134 -3.85 -5.22 16.27
C SER A 134 -2.62 -4.41 15.95
N ALA A 135 -2.22 -4.38 14.70
CA ALA A 135 -1.01 -3.61 14.38
C ALA A 135 -1.14 -2.14 14.69
N GLY A 136 -2.30 -1.61 14.37
CA GLY A 136 -2.60 -0.25 14.66
C GLY A 136 -2.52 0.09 16.11
N ARG A 137 -2.94 -0.80 16.98
CA ARG A 137 -2.86 -0.49 18.38
C ARG A 137 -1.44 -0.29 18.84
N VAL A 138 -0.54 -1.14 18.39
CA VAL A 138 0.84 -1.00 18.70
C VAL A 138 1.45 0.29 18.14
N LEU A 139 1.13 0.59 16.88
CA LEU A 139 1.66 1.78 16.27
C LEU A 139 1.15 3.03 17.00
N LYS A 140 -0.09 2.99 17.40
CA LYS A 140 -0.65 4.11 18.12
C LYS A 140 0.09 4.31 19.43
N ARG A 141 0.37 3.23 20.11
CA ARG A 141 1.10 3.31 21.34
C ARG A 141 2.50 3.86 21.11
N LEU A 142 3.10 3.53 19.98
CA LEU A 142 4.41 4.05 19.63
C LEU A 142 4.39 5.46 19.03
N GLY A 143 3.22 6.03 18.81
CA GLY A 143 3.16 7.34 18.21
C GLY A 143 3.46 7.42 16.73
N ALA A 144 3.24 6.33 16.03
CA ALA A 144 3.61 6.21 14.64
C ALA A 144 2.38 6.31 13.77
N ASN A 145 2.57 6.67 12.52
CA ASN A 145 1.46 6.79 11.59
C ASN A 145 1.49 5.66 10.59
N MET A 146 0.50 4.78 10.69
CA MET A 146 0.47 3.58 9.95
C MET A 146 0.45 3.81 8.44
N ASN A 147 -0.29 4.77 7.99
CA ASN A 147 -0.34 5.03 6.56
C ASN A 147 0.96 5.52 5.96
N LEU A 148 1.70 6.30 6.73
CA LEU A 148 3.04 6.68 6.35
C LEU A 148 4.00 5.50 6.26
N LEU A 149 3.86 4.57 7.18
CA LEU A 149 4.63 3.35 7.08
C LEU A 149 4.28 2.51 5.87
N THR A 150 3.01 2.41 5.53
CA THR A 150 2.63 1.69 4.34
C THR A 150 3.24 2.32 3.09
N ALA A 151 3.21 3.64 3.07
CA ALA A 151 3.80 4.36 1.97
C ALA A 151 5.27 4.13 1.88
N ALA A 152 5.95 4.14 3.02
CA ALA A 152 7.35 3.88 3.03
C ALA A 152 7.67 2.48 2.49
N ALA A 153 6.83 1.50 2.79
CA ALA A 153 7.07 0.19 2.28
C ALA A 153 6.93 0.15 0.77
N LEU A 154 5.91 0.83 0.28
CA LEU A 154 5.71 0.90 -1.14
C LEU A 154 6.89 1.60 -1.84
N THR A 155 7.43 2.62 -1.20
CA THR A 155 8.57 3.32 -1.70
C THR A 155 9.79 2.43 -1.81
N ARG A 156 10.01 1.59 -0.82
CA ARG A 156 11.08 0.65 -0.89
C ARG A 156 10.96 -0.32 -2.05
N LEU A 157 9.78 -0.75 -2.32
CA LEU A 157 9.58 -1.71 -3.38
C LEU A 157 9.86 -1.14 -4.77
N LYS A 158 9.91 0.15 -4.86
CA LYS A 158 10.29 0.81 -6.10
C LYS A 158 11.73 0.77 -6.39
N GLY A 159 12.54 0.69 -5.39
CA GLY A 159 13.96 0.63 -5.58
C GLY A 159 14.58 1.98 -5.39
N VAL B 6 -14.74 -3.14 -16.66
CA VAL B 6 -15.87 -3.00 -15.79
C VAL B 6 -15.86 -1.86 -14.75
N PHE B 7 -16.19 -0.71 -15.24
CA PHE B 7 -16.31 0.44 -14.42
C PHE B 7 -17.53 0.33 -13.55
N GLU B 8 -18.29 -0.75 -13.64
CA GLU B 8 -19.50 -0.85 -12.83
C GLU B 8 -19.34 -0.86 -11.33
N ARG B 9 -18.21 -1.32 -10.81
CA ARG B 9 -17.92 -1.16 -9.38
C ARG B 9 -17.11 0.07 -8.95
N PHE B 10 -16.75 0.90 -9.91
CA PHE B 10 -16.19 2.15 -9.58
C PHE B 10 -17.22 3.08 -8.95
N THR B 11 -16.80 3.88 -8.00
CA THR B 11 -17.66 4.85 -7.38
C THR B 11 -17.94 6.04 -8.30
N GLU B 12 -18.94 6.82 -7.93
CA GLU B 12 -19.34 7.93 -8.73
C GLU B 12 -18.19 8.90 -8.83
N ARG B 13 -17.43 9.08 -7.77
CA ARG B 13 -16.25 9.93 -7.81
C ARG B 13 -15.19 9.40 -8.78
N ALA B 14 -14.98 8.10 -8.74
CA ALA B 14 -14.04 7.51 -9.64
C ALA B 14 -14.43 7.63 -11.12
N ILE B 15 -15.70 7.42 -11.38
CA ILE B 15 -16.20 7.54 -12.73
C ILE B 15 -16.02 8.97 -13.24
N ARG B 16 -16.27 9.92 -12.40
CA ARG B 16 -16.13 11.29 -12.79
C ARG B 16 -14.67 11.63 -13.13
N ALA B 17 -13.76 11.12 -12.31
CA ALA B 17 -12.36 11.35 -12.59
C ALA B 17 -11.94 10.74 -13.92
N ILE B 18 -12.46 9.57 -14.21
CA ILE B 18 -12.15 8.93 -15.46
C ILE B 18 -12.70 9.74 -16.65
N ILE B 19 -13.92 10.19 -16.52
CA ILE B 19 -14.49 11.04 -17.55
C ILE B 19 -13.69 12.33 -17.68
N PHE B 20 -13.29 12.91 -16.56
CA PHE B 20 -12.47 14.10 -16.59
C PHE B 20 -11.15 13.79 -17.25
N SER B 21 -10.70 12.56 -17.05
CA SER B 21 -9.31 12.28 -17.75
CA SER B 21 -9.29 12.28 -17.75
C SER B 21 -9.36 12.32 -19.38
N GLN B 22 -10.53 11.86 -19.81
CA GLN B 22 -10.82 11.89 -21.22
C GLN B 22 -10.90 13.36 -21.72
N LYS B 23 -11.59 14.19 -20.97
CA LYS B 23 -11.65 15.61 -21.30
C LYS B 23 -10.31 16.32 -21.26
N GLU B 24 -9.51 16.03 -20.25
CA GLU B 24 -8.23 16.64 -20.14
C GLU B 24 -7.32 16.25 -21.26
N ALA B 25 -7.37 14.98 -21.61
CA ALA B 25 -6.53 14.51 -22.71
C ALA B 25 -6.97 15.20 -24.01
N LYS B 26 -8.27 15.30 -24.22
CA LYS B 26 -8.78 15.92 -25.46
C LYS B 26 -8.31 17.38 -25.54
N SER B 27 -8.31 18.08 -24.44
CA SER B 27 -7.91 19.45 -24.40
C SER B 27 -6.47 19.67 -24.76
N LEU B 28 -5.69 18.63 -24.52
CA LEU B 28 -4.29 18.68 -24.83
C LEU B 28 -4.03 18.24 -26.26
N GLY B 29 -5.10 17.94 -26.95
CA GLY B 29 -5.04 17.47 -28.30
C GLY B 29 -4.76 16.01 -28.57
N LYS B 30 -5.03 15.18 -27.60
CA LYS B 30 -4.78 13.75 -27.71
C LYS B 30 -6.00 12.96 -28.09
N ASP B 31 -5.81 11.72 -28.50
CA ASP B 31 -6.94 10.90 -28.78
C ASP B 31 -6.91 9.61 -27.99
N MET B 32 -6.08 9.64 -26.97
CA MET B 32 -5.98 8.53 -26.05
C MET B 32 -5.62 9.04 -24.67
N VAL B 33 -6.15 8.41 -23.62
CA VAL B 33 -5.80 8.79 -22.25
C VAL B 33 -4.60 7.98 -21.77
N TYR B 34 -3.50 8.65 -21.54
CA TYR B 34 -2.34 8.09 -20.91
C TYR B 34 -2.35 8.45 -19.42
N THR B 35 -1.36 7.95 -18.70
CA THR B 35 -1.43 8.08 -17.26
C THR B 35 -1.37 9.47 -16.72
N GLN B 36 -0.65 10.36 -17.40
CA GLN B 36 -0.59 11.71 -16.97
C GLN B 36 -1.98 12.37 -17.09
N HIS B 37 -2.75 11.95 -18.05
CA HIS B 37 -4.11 12.39 -18.17
C HIS B 37 -5.02 11.90 -17.10
N LEU B 38 -4.80 10.66 -16.74
CA LEU B 38 -5.55 10.07 -15.63
C LEU B 38 -5.23 10.87 -14.36
N LEU B 39 -3.97 11.23 -14.21
CA LEU B 39 -3.60 12.06 -13.09
C LEU B 39 -4.35 13.39 -13.11
N LEU B 40 -4.41 13.99 -14.28
CA LEU B 40 -5.16 15.23 -14.37
C LEU B 40 -6.64 15.05 -13.99
N GLY B 41 -7.22 13.95 -14.41
CA GLY B 41 -8.59 13.72 -14.07
C GLY B 41 -8.82 13.56 -12.58
N LEU B 42 -7.91 12.86 -11.94
CA LEU B 42 -8.02 12.71 -10.50
C LEU B 42 -7.89 14.06 -9.80
N ILE B 43 -6.97 14.86 -10.26
CA ILE B 43 -6.77 16.20 -9.71
C ILE B 43 -7.99 17.10 -9.90
N ALA B 44 -8.53 17.03 -11.09
CA ALA B 44 -9.74 17.81 -11.37
C ALA B 44 -10.94 17.41 -10.51
N GLU B 45 -11.10 16.13 -10.29
CA GLU B 45 -12.19 15.62 -9.55
C GLU B 45 -12.13 15.95 -8.07
N ASP B 46 -10.92 15.99 -7.51
CA ASP B 46 -10.81 16.00 -6.05
C ASP B 46 -11.34 17.32 -5.49
N ARG B 47 -12.36 17.23 -4.63
CA ARG B 47 -13.02 18.40 -4.04
C ARG B 47 -12.40 18.83 -2.71
N ASP B 48 -11.29 18.21 -2.37
CA ASP B 48 -10.60 18.53 -1.10
C ASP B 48 -10.08 19.97 -1.13
N PRO B 49 -10.48 20.76 -0.12
CA PRO B 49 -10.08 22.15 -0.09
C PRO B 49 -8.58 22.32 0.07
N GLN B 50 -7.90 21.27 0.50
CA GLN B 50 -6.46 21.32 0.64
C GLN B 50 -5.77 20.81 -0.60
N GLY B 51 -6.48 20.66 -1.69
CA GLY B 51 -5.83 20.31 -2.92
C GLY B 51 -5.76 18.82 -3.08
N PHE B 52 -5.15 18.33 -4.14
CA PHE B 52 -5.27 16.92 -4.48
C PHE B 52 -4.66 16.09 -3.34
N LEU B 53 -5.45 15.25 -2.74
CA LEU B 53 -5.00 14.38 -1.67
C LEU B 53 -4.36 15.23 -0.57
N GLY B 54 -4.82 16.44 -0.42
CA GLY B 54 -4.27 17.33 0.60
C GLY B 54 -2.96 18.01 0.31
N SER B 55 -2.46 17.93 -0.91
CA SER B 55 -1.13 18.32 -1.29
C SER B 55 -0.86 19.70 -1.79
N GLY B 56 -1.92 20.48 -1.95
CA GLY B 56 -1.74 21.76 -2.57
C GLY B 56 -1.60 21.75 -4.08
N ILE B 57 -1.62 20.60 -4.71
CA ILE B 57 -1.54 20.60 -6.15
C ILE B 57 -2.94 20.92 -6.66
N THR B 58 -3.02 21.75 -7.68
CA THR B 58 -4.30 22.12 -8.23
C THR B 58 -4.32 21.82 -9.71
N ILE B 59 -5.52 21.80 -10.24
CA ILE B 59 -5.66 21.46 -11.62
C ILE B 59 -4.93 22.40 -12.54
N ASP B 60 -4.98 23.70 -12.28
CA ASP B 60 -4.30 24.64 -13.14
C ASP B 60 -2.80 24.45 -13.17
N LYS B 61 -2.20 24.24 -12.03
CA LYS B 61 -0.80 23.94 -11.97
C LYS B 61 -0.42 22.62 -12.64
N ALA B 62 -1.23 21.61 -12.36
CA ALA B 62 -1.03 20.30 -12.98
C ALA B 62 -1.10 20.34 -14.50
N ARG B 63 -2.06 21.07 -15.03
CA ARG B 63 -2.15 21.22 -16.46
C ARG B 63 -0.94 21.91 -17.06
N GLU B 64 -0.41 22.92 -16.39
CA GLU B 64 0.77 23.61 -16.90
C GLU B 64 1.90 22.64 -17.00
N ALA B 65 2.06 21.86 -15.96
CA ALA B 65 3.17 20.97 -15.94
C ALA B 65 3.08 20.01 -17.04
N VAL B 66 1.91 19.45 -17.26
CA VAL B 66 1.75 18.44 -18.27
C VAL B 66 2.00 18.99 -19.67
N TRP B 67 1.46 20.16 -19.92
CA TRP B 67 1.69 20.73 -21.21
C TRP B 67 3.19 20.93 -21.39
N SER B 68 3.82 21.47 -20.38
CA SER B 68 5.20 21.80 -20.54
C SER B 68 6.04 20.57 -20.77
N ILE B 69 5.80 19.50 -20.03
CA ILE B 69 6.64 18.31 -20.10
C ILE B 69 6.56 17.58 -21.44
N TRP B 70 5.34 17.43 -21.91
CA TRP B 70 5.10 16.72 -23.14
C TRP B 70 4.99 17.54 -24.40
N ASP B 71 4.63 18.82 -24.29
CA ASP B 71 4.39 19.58 -25.53
C ASP B 71 5.25 20.80 -25.89
N GLU B 72 6.13 21.24 -25.01
CA GLU B 72 6.86 22.46 -25.30
C GLU B 72 8.25 22.19 -25.88
N ALA B 73 8.69 20.95 -25.81
CA ALA B 73 9.93 20.55 -26.42
C ALA B 73 9.72 19.23 -27.14
N ASN B 74 10.62 18.27 -26.96
CA ASN B 74 10.40 16.99 -27.61
C ASN B 74 9.28 16.13 -27.05
N SER B 75 8.63 15.37 -27.91
CA SER B 75 7.59 14.45 -27.56
C SER B 75 8.12 13.20 -26.91
N ASP B 76 7.22 12.43 -26.32
CA ASP B 76 7.59 11.24 -25.55
C ASP B 76 7.57 10.02 -26.42
N SER B 77 8.71 9.37 -26.54
CA SER B 77 8.78 7.98 -26.90
C SER B 77 7.83 7.53 -27.98
N LYS B 89 -17.41 11.63 -29.60
CA LYS B 89 -17.57 12.29 -28.32
C LYS B 89 -16.45 12.02 -27.31
N SER B 90 -16.36 12.87 -26.31
CA SER B 90 -15.32 12.84 -25.34
C SER B 90 -15.26 11.55 -24.55
N THR B 91 -16.39 11.00 -24.21
CA THR B 91 -16.41 9.81 -23.42
C THR B 91 -16.14 8.53 -24.22
N ASP B 92 -15.94 8.66 -25.52
CA ASP B 92 -15.52 7.54 -26.35
C ASP B 92 -14.02 7.43 -26.47
N MET B 93 -13.31 8.35 -25.87
CA MET B 93 -11.89 8.34 -25.93
C MET B 93 -11.41 7.07 -25.25
N PRO B 94 -10.52 6.37 -25.94
CA PRO B 94 -9.90 5.19 -25.37
C PRO B 94 -8.76 5.47 -24.36
N PHE B 95 -8.40 4.40 -23.68
CA PHE B 95 -7.39 4.43 -22.64
C PHE B 95 -6.17 3.63 -23.08
N SER B 96 -5.01 4.11 -22.76
CA SER B 96 -3.79 3.45 -23.12
C SER B 96 -3.60 2.18 -22.31
N ILE B 97 -2.67 1.36 -22.76
CA ILE B 97 -2.39 0.16 -22.05
C ILE B 97 -1.91 0.45 -20.63
N SER B 98 -1.06 1.45 -20.51
CA SER B 98 -0.55 1.87 -19.21
C SER B 98 -1.69 2.30 -18.29
N THR B 99 -2.66 3.02 -18.84
CA THR B 99 -3.81 3.43 -18.07
C THR B 99 -4.68 2.26 -17.60
N LYS B 100 -4.88 1.34 -18.51
CA LYS B 100 -5.64 0.17 -18.22
C LYS B 100 -4.97 -0.63 -17.08
N ARG B 101 -3.66 -0.65 -17.08
CA ARG B 101 -2.92 -1.37 -16.06
C ARG B 101 -3.20 -0.75 -14.71
N VAL B 102 -3.26 0.58 -14.67
CA VAL B 102 -3.61 1.25 -13.45
C VAL B 102 -5.01 0.97 -12.97
N PHE B 103 -5.95 0.94 -13.89
CA PHE B 103 -7.28 0.61 -13.50
C PHE B 103 -7.32 -0.84 -12.94
N GLU B 104 -6.62 -1.75 -13.60
CA GLU B 104 -6.66 -3.14 -13.13
C GLU B 104 -6.05 -3.26 -11.75
N ALA B 105 -4.99 -2.53 -11.51
CA ALA B 105 -4.40 -2.52 -10.19
C ALA B 105 -5.33 -1.94 -9.14
N ALA B 106 -6.04 -0.89 -9.49
CA ALA B 106 -6.96 -0.31 -8.57
C ALA B 106 -8.05 -1.31 -8.19
N VAL B 107 -8.53 -2.06 -9.16
CA VAL B 107 -9.52 -3.10 -8.92
C VAL B 107 -8.95 -4.17 -8.01
N GLU B 108 -7.73 -4.59 -8.31
CA GLU B 108 -7.11 -5.64 -7.50
C GLU B 108 -6.85 -5.21 -6.04
N TYR B 109 -6.36 -4.00 -5.87
CA TYR B 109 -6.14 -3.47 -4.56
C TYR B 109 -7.44 -3.40 -3.77
N SER B 110 -8.48 -2.95 -4.43
CA SER B 110 -9.74 -2.85 -3.77
C SER B 110 -10.24 -4.23 -3.29
N ARG B 111 -10.09 -5.23 -4.15
CA ARG B 111 -10.49 -6.58 -3.82
C ARG B 111 -9.65 -7.12 -2.64
N THR B 112 -8.35 -6.89 -2.66
CA THR B 112 -7.49 -7.34 -1.60
C THR B 112 -7.85 -6.70 -0.25
N MET B 113 -8.18 -5.43 -0.29
CA MET B 113 -8.58 -4.66 0.87
C MET B 113 -10.00 -5.01 1.29
N ASP B 114 -10.66 -5.86 0.52
CA ASP B 114 -12.02 -6.23 0.81
C ASP B 114 -12.96 -5.06 0.79
N CYS B 115 -12.74 -4.18 -0.16
CA CYS B 115 -13.66 -3.08 -0.45
C CYS B 115 -14.75 -3.47 -1.44
N GLN B 116 -15.91 -2.91 -1.27
CA GLN B 116 -17.00 -3.15 -2.19
C GLN B 116 -16.93 -2.40 -3.52
N TYR B 117 -16.16 -1.33 -3.54
CA TYR B 117 -16.11 -0.39 -4.62
C TYR B 117 -14.68 -0.02 -4.97
N ILE B 118 -14.43 0.48 -6.17
CA ILE B 118 -13.17 1.13 -6.47
C ILE B 118 -13.36 2.65 -6.40
N ALA B 119 -12.64 3.27 -5.49
CA ALA B 119 -12.61 4.69 -5.29
C ALA B 119 -11.45 5.37 -6.01
N PRO B 120 -11.51 6.71 -6.09
CA PRO B 120 -10.43 7.45 -6.73
C PRO B 120 -9.13 7.17 -6.02
N GLU B 121 -9.18 6.96 -4.72
CA GLU B 121 -7.98 6.68 -3.97
C GLU B 121 -7.33 5.35 -4.30
N HIS B 122 -8.14 4.37 -4.63
CA HIS B 122 -7.61 3.18 -5.18
C HIS B 122 -6.89 3.45 -6.47
N ILE B 123 -7.47 4.28 -7.31
CA ILE B 123 -6.85 4.60 -8.57
C ILE B 123 -5.54 5.33 -8.38
N ALA B 124 -5.51 6.23 -7.43
CA ALA B 124 -4.29 6.92 -7.11
C ALA B 124 -3.19 5.96 -6.64
N VAL B 125 -3.53 5.04 -5.78
CA VAL B 125 -2.54 4.07 -5.34
C VAL B 125 -2.02 3.22 -6.50
N GLY B 126 -2.89 2.85 -7.40
CA GLY B 126 -2.43 2.20 -8.62
C GLY B 126 -1.50 3.08 -9.45
N LEU B 127 -1.87 4.33 -9.58
CA LEU B 127 -1.06 5.27 -10.32
C LEU B 127 0.31 5.42 -9.74
N PHE B 128 0.38 5.35 -8.43
CA PHE B 128 1.63 5.59 -7.76
C PHE B 128 2.45 4.31 -7.62
N THR B 129 1.92 3.20 -8.11
CA THR B 129 2.63 1.95 -7.95
C THR B 129 2.88 1.18 -9.23
N VAL B 130 2.00 1.28 -10.20
CA VAL B 130 2.17 0.53 -11.44
C VAL B 130 2.20 1.37 -12.74
N ASP B 131 2.55 2.62 -12.59
CA ASP B 131 2.67 3.55 -13.68
C ASP B 131 3.92 3.29 -14.46
N ASP B 132 3.99 3.90 -15.62
CA ASP B 132 5.14 3.78 -16.50
C ASP B 132 6.09 4.93 -16.28
N GLY B 133 5.85 5.69 -15.26
CA GLY B 133 6.69 6.80 -14.92
C GLY B 133 6.16 8.15 -15.34
N SER B 134 5.12 8.13 -16.13
CA SER B 134 4.58 9.38 -16.64
C SER B 134 4.02 10.26 -15.53
N ALA B 135 3.25 9.69 -14.63
CA ALA B 135 2.71 10.48 -13.55
C ALA B 135 3.74 11.07 -12.64
N GLY B 136 4.79 10.31 -12.40
CA GLY B 136 5.89 10.68 -11.60
C GLY B 136 6.58 11.90 -12.16
N ARG B 137 6.66 11.99 -13.47
CA ARG B 137 7.26 13.17 -14.08
C ARG B 137 6.50 14.42 -13.77
N VAL B 138 5.19 14.39 -13.83
CA VAL B 138 4.39 15.51 -13.42
C VAL B 138 4.57 15.85 -11.93
N LEU B 139 4.52 14.83 -11.10
CA LEU B 139 4.61 15.08 -9.70
C LEU B 139 5.95 15.67 -9.37
N LYS B 140 7.00 15.22 -10.02
CA LYS B 140 8.31 15.76 -9.80
C LYS B 140 8.41 17.21 -10.19
N ARG B 141 7.81 17.51 -11.33
CA ARG B 141 7.79 18.88 -11.78
C ARG B 141 7.08 19.77 -10.76
N LEU B 142 6.05 19.26 -10.12
CA LEU B 142 5.24 20.01 -9.19
C LEU B 142 5.83 20.05 -7.81
N GLY B 143 6.91 19.34 -7.64
CA GLY B 143 7.51 19.24 -6.34
C GLY B 143 6.79 18.40 -5.31
N ALA B 144 6.07 17.39 -5.75
CA ALA B 144 5.31 16.64 -4.81
C ALA B 144 6.09 15.44 -4.43
N ASN B 145 5.81 14.92 -3.28
CA ASN B 145 6.48 13.71 -2.85
C ASN B 145 5.46 12.57 -2.91
N MET B 146 5.71 11.66 -3.82
CA MET B 146 4.79 10.59 -4.17
C MET B 146 4.50 9.78 -2.91
N ASN B 147 5.48 9.69 -2.02
CA ASN B 147 5.29 9.07 -0.72
C ASN B 147 4.26 9.67 0.25
N LEU B 148 4.24 10.99 0.42
CA LEU B 148 3.20 11.65 1.17
C LEU B 148 1.78 11.57 0.52
N LEU B 149 1.75 11.62 -0.80
CA LEU B 149 0.49 11.52 -1.50
C LEU B 149 -0.15 10.17 -1.30
N THR B 150 0.69 9.16 -1.27
CA THR B 150 0.22 7.81 -1.06
C THR B 150 -0.39 7.61 0.31
N ALA B 151 0.27 8.17 1.31
CA ALA B 151 -0.23 8.12 2.64
C ALA B 151 -1.56 8.82 2.77
N ALA B 152 -1.71 9.93 2.06
CA ALA B 152 -2.98 10.62 2.05
C ALA B 152 -4.10 9.80 1.45
N ALA B 153 -3.81 9.10 0.37
CA ALA B 153 -4.82 8.28 -0.22
C ALA B 153 -5.27 7.20 0.73
N LEU B 154 -4.31 6.60 1.41
CA LEU B 154 -4.60 5.54 2.32
C LEU B 154 -5.42 5.98 3.48
N THR B 155 -5.15 7.18 3.96
CA THR B 155 -5.92 7.72 5.04
C THR B 155 -7.40 7.85 4.66
N ARG B 156 -7.67 8.31 3.45
CA ARG B 156 -9.04 8.39 3.00
C ARG B 156 -9.72 7.08 2.90
N LEU B 157 -9.04 6.10 2.37
CA LEU B 157 -9.65 4.80 2.25
C LEU B 157 -10.07 4.20 3.59
N LYS B 158 -9.30 4.54 4.60
CA LYS B 158 -9.54 4.07 5.94
C LYS B 158 -10.28 5.16 6.70
#